data_5FA9
#
_entry.id   5FA9
#
_cell.length_a   144.956
_cell.length_b   95.584
_cell.length_c   81.390
_cell.angle_alpha   90.00
_cell.angle_beta   116.24
_cell.angle_gamma   90.00
#
_symmetry.space_group_name_H-M   'C 1 2 1'
#
loop_
_entity.id
_entity.type
_entity.pdbx_description
1 polymer 'Peptide methionine sulfoxide reductase MsrA'
2 non-polymer (4S,5S)-1,2-DITHIANE-4,5-DIOL
3 non-polymer 2,3-DIHYDROXY-1,4-DITHIOBUTANE
4 water water
#
_entity_poly.entity_id   1
_entity_poly.type   'polypeptide(L)'
_entity_poly.pdbx_seq_one_letter_code
;MIKEIYLAGGSFWGVEGYFRQIPGVKETDTGYANGKNDSANYKGLHQSDHAETVKIVYDSSVVSLQELLAHYFRIIDPTS
LNKQGNDAGRQYRTGIYYVDDSMIKEINSFVKFMQKKYSRPIVVEVEKLKHFILAEDYHQDYLQKNPGGYCHIDLTLALK
PLYDESKFKVPSKEELKKSLKPIQFSVTQEKATERPFTSEYDKFDAEGIYVDITTGKPLFSSLNKYDAGCGWPSFTKAIT
TQALQYLEDKSLGMNRTEVVSKTGGAHLGHVFDDGPADAGGLRYSINGAALRFIPYDKMEKEGYGDYLPYVKPTGNFLEH
HHHHH
;
_entity_poly.pdbx_strand_id   A,B
#
loop_
_chem_comp.id
_chem_comp.type
_chem_comp.name
_chem_comp.formula
D1D non-polymer (4S,5S)-1,2-DITHIANE-4,5-DIOL 'C4 H8 O2 S2'
DTT non-polymer 2,3-DIHYDROXY-1,4-DITHIOBUTANE 'C4 H10 O2 S2'
#
# COMPACT_ATOMS: atom_id res chain seq x y z
N MET A 1 0.44 -8.09 1.40
CA MET A 1 0.65 -6.85 0.64
C MET A 1 -0.25 -5.73 1.12
N ILE A 2 0.23 -4.50 0.96
CA ILE A 2 -0.58 -3.33 1.27
C ILE A 2 -1.55 -3.06 0.13
N LYS A 3 -2.83 -2.90 0.47
CA LYS A 3 -3.87 -2.66 -0.53
C LYS A 3 -4.81 -1.56 -0.06
N GLU A 4 -5.67 -1.09 -0.96
CA GLU A 4 -6.59 -0.01 -0.64
C GLU A 4 -7.97 -0.23 -1.23
N ILE A 5 -8.99 0.14 -0.45
CA ILE A 5 -10.38 0.02 -0.87
C ILE A 5 -11.14 1.26 -0.41
N TYR A 6 -12.18 1.64 -1.16
CA TYR A 6 -12.93 2.84 -0.85
C TYR A 6 -14.39 2.52 -0.51
N LEU A 7 -14.81 2.94 0.68
CA LEU A 7 -16.14 2.57 1.18
C LEU A 7 -16.99 3.79 1.50
N ALA A 8 -18.16 3.86 0.88
CA ALA A 8 -19.12 4.92 1.18
C ALA A 8 -20.30 4.33 1.96
N GLY A 9 -20.41 4.72 3.23
CA GLY A 9 -21.48 4.20 4.08
C GLY A 9 -22.13 5.26 4.95
N GLY A 10 -22.50 6.38 4.33
CA GLY A 10 -23.12 7.47 5.06
C GLY A 10 -22.09 8.51 5.48
N SER A 11 -22.38 9.21 6.58
CA SER A 11 -21.46 10.20 7.12
C SER A 11 -20.10 9.57 7.41
N PHE A 12 -19.06 10.07 6.75
CA PHE A 12 -17.74 9.45 6.83
C PHE A 12 -17.08 9.62 8.19
N TRP A 13 -17.68 10.43 9.06
CA TRP A 13 -17.16 10.60 10.42
C TRP A 13 -17.21 9.30 11.18
N GLY A 14 -18.36 8.64 11.12
CA GLY A 14 -18.57 7.38 11.82
C GLY A 14 -17.87 6.22 11.13
N VAL A 15 -17.88 6.25 9.80
CA VAL A 15 -17.26 5.20 9.00
C VAL A 15 -15.76 5.13 9.29
N GLU A 16 -15.11 6.28 9.35
CA GLU A 16 -13.69 6.34 9.66
C GLU A 16 -13.43 5.95 11.11
N GLY A 17 -14.30 6.42 12.01
CA GLY A 17 -14.18 6.12 13.42
C GLY A 17 -14.25 4.63 13.72
N TYR A 18 -14.99 3.90 12.89
CA TYR A 18 -15.11 2.46 13.03
C TYR A 18 -13.88 1.73 12.51
N PHE A 19 -13.56 1.98 11.24
CA PHE A 19 -12.49 1.24 10.55
C PHE A 19 -11.10 1.53 11.08
N ARG A 20 -10.93 2.67 11.73
CA ARG A 20 -9.64 3.02 12.30
C ARG A 20 -9.29 2.11 13.49
N GLN A 21 -10.31 1.43 14.02
CA GLN A 21 -10.14 0.56 15.17
C GLN A 21 -9.86 -0.88 14.77
N ILE A 22 -9.89 -1.16 13.47
CA ILE A 22 -9.72 -2.52 12.98
C ILE A 22 -8.26 -2.83 12.66
N PRO A 23 -7.72 -3.91 13.24
CA PRO A 23 -6.34 -4.35 12.99
C PRO A 23 -6.06 -4.57 11.51
N GLY A 24 -4.87 -4.19 11.07
CA GLY A 24 -4.49 -4.33 9.68
C GLY A 24 -4.71 -3.04 8.89
N VAL A 25 -5.62 -2.21 9.38
CA VAL A 25 -5.86 -0.90 8.75
C VAL A 25 -4.71 0.04 9.09
N LYS A 26 -4.02 0.52 8.06
CA LYS A 26 -2.82 1.31 8.25
C LYS A 26 -3.07 2.81 8.10
N GLU A 27 -4.12 3.16 7.37
CA GLU A 27 -4.44 4.56 7.12
C GLU A 27 -5.89 4.74 6.67
N THR A 28 -6.56 5.75 7.22
CA THR A 28 -7.91 6.10 6.80
C THR A 28 -7.99 7.58 6.42
N ASP A 29 -8.75 7.87 5.37
CA ASP A 29 -8.95 9.25 4.93
C ASP A 29 -10.38 9.47 4.49
N THR A 30 -10.98 10.57 4.94
CA THR A 30 -12.34 10.91 4.54
C THR A 30 -12.30 11.78 3.29
N GLY A 31 -13.27 11.60 2.41
CA GLY A 31 -13.31 12.34 1.16
C GLY A 31 -14.59 12.17 0.39
N TYR A 32 -14.60 12.66 -0.84
CA TYR A 32 -15.79 12.64 -1.68
C TYR A 32 -15.49 11.94 -3.01
N ALA A 33 -16.21 10.86 -3.28
CA ALA A 33 -15.90 10.01 -4.43
C ALA A 33 -16.97 10.06 -5.52
N ASN A 34 -16.51 10.03 -6.77
CA ASN A 34 -17.38 9.99 -7.94
C ASN A 34 -18.43 11.09 -7.94
N SER A 48 -20.77 18.98 -8.51
CA SER A 48 -21.10 17.62 -8.96
C SER A 48 -21.58 16.76 -7.80
N ASP A 49 -22.05 15.56 -8.12
CA ASP A 49 -22.68 14.69 -7.12
C ASP A 49 -21.70 13.64 -6.57
N HIS A 50 -21.03 13.99 -5.48
CA HIS A 50 -20.05 13.10 -4.84
C HIS A 50 -20.62 12.35 -3.65
N ALA A 51 -20.19 11.11 -3.47
CA ALA A 51 -20.57 10.31 -2.31
C ALA A 51 -19.54 10.45 -1.19
N GLU A 52 -20.00 10.58 0.04
CA GLU A 52 -19.09 10.65 1.19
C GLU A 52 -18.40 9.30 1.39
N THR A 53 -17.09 9.28 1.19
CA THR A 53 -16.35 8.03 1.15
C THR A 53 -15.10 8.06 2.04
N VAL A 54 -14.77 6.91 2.62
CA VAL A 54 -13.55 6.78 3.42
C VAL A 54 -12.52 5.89 2.71
N LYS A 55 -11.33 6.43 2.50
CA LYS A 55 -10.23 5.66 1.93
C LYS A 55 -9.64 4.73 2.96
N ILE A 56 -9.56 3.44 2.63
CA ILE A 56 -9.03 2.45 3.55
C ILE A 56 -7.76 1.80 3.03
N VAL A 57 -6.64 2.11 3.66
CA VAL A 57 -5.37 1.46 3.32
C VAL A 57 -5.07 0.39 4.37
N TYR A 58 -4.88 -0.84 3.91
CA TYR A 58 -4.76 -1.97 4.84
C TYR A 58 -3.73 -3.00 4.42
N ASP A 59 -3.29 -3.80 5.38
CA ASP A 59 -2.38 -4.90 5.13
C ASP A 59 -3.20 -6.19 4.99
N SER A 60 -3.17 -6.78 3.80
CA SER A 60 -3.99 -7.96 3.50
C SER A 60 -3.50 -9.19 4.27
N SER A 61 -2.29 -9.13 4.80
CA SER A 61 -1.74 -10.23 5.57
C SER A 61 -2.38 -10.30 6.96
N VAL A 62 -2.96 -9.19 7.39
CA VAL A 62 -3.61 -9.12 8.69
C VAL A 62 -5.13 -9.20 8.55
N VAL A 63 -5.69 -8.28 7.76
CA VAL A 63 -7.12 -8.28 7.52
C VAL A 63 -7.42 -8.46 6.03
N SER A 64 -8.30 -9.41 5.72
CA SER A 64 -8.66 -9.69 4.33
C SER A 64 -9.74 -8.74 3.85
N LEU A 65 -9.86 -8.61 2.52
CA LEU A 65 -10.92 -7.83 1.92
C LEU A 65 -12.29 -8.33 2.37
N GLN A 66 -12.38 -9.64 2.58
CA GLN A 66 -13.62 -10.28 3.02
C GLN A 66 -14.08 -9.75 4.38
N GLU A 67 -13.15 -9.64 5.32
CA GLU A 67 -13.48 -9.14 6.66
C GLU A 67 -13.86 -7.65 6.61
N LEU A 68 -13.13 -6.89 5.81
CA LEU A 68 -13.40 -5.46 5.66
C LEU A 68 -14.80 -5.21 5.11
N LEU A 69 -15.21 -6.03 4.15
CA LEU A 69 -16.54 -5.91 3.58
C LEU A 69 -17.59 -6.42 4.56
N ALA A 70 -17.20 -7.35 5.41
CA ALA A 70 -18.09 -7.86 6.46
C ALA A 70 -18.37 -6.76 7.48
N HIS A 71 -17.32 -6.04 7.87
CA HIS A 71 -17.47 -4.89 8.77
C HIS A 71 -18.35 -3.82 8.12
N TYR A 72 -18.13 -3.59 6.83
CA TYR A 72 -18.86 -2.57 6.09
C TYR A 72 -20.36 -2.80 6.08
N PHE A 73 -20.77 -4.03 5.75
CA PHE A 73 -22.19 -4.38 5.71
C PHE A 73 -22.80 -4.42 7.10
N ARG A 74 -21.96 -4.57 8.12
CA ARG A 74 -22.41 -4.62 9.50
C ARG A 74 -22.90 -3.27 9.99
N ILE A 75 -22.28 -2.20 9.49
CA ILE A 75 -22.57 -0.85 9.97
C ILE A 75 -23.47 -0.04 9.04
N ILE A 76 -23.99 -0.67 8.00
CA ILE A 76 -24.87 0.03 7.07
C ILE A 76 -26.17 -0.72 6.80
N ASP A 77 -27.13 -0.02 6.21
CA ASP A 77 -28.32 -0.64 5.66
C ASP A 77 -28.16 -0.74 4.14
N PRO A 78 -27.81 -1.94 3.66
CA PRO A 78 -27.51 -2.14 2.23
C PRO A 78 -28.74 -2.11 1.33
N THR A 79 -29.93 -2.00 1.93
CA THR A 79 -31.16 -1.97 1.16
C THR A 79 -31.72 -0.56 1.05
N SER A 80 -31.13 0.38 1.80
CA SER A 80 -31.59 1.76 1.80
C SER A 80 -30.92 2.59 0.72
N LEU A 81 -31.72 3.30 -0.07
CA LEU A 81 -31.20 4.13 -1.15
C LEU A 81 -31.06 5.58 -0.73
N ASN A 82 -29.84 6.11 -0.89
CA ASN A 82 -29.53 7.51 -0.63
C ASN A 82 -29.91 7.97 0.78
N LYS A 83 -29.80 7.07 1.75
CA LYS A 83 -30.12 7.40 3.13
C LYS A 83 -29.54 6.39 4.13
N GLN A 84 -28.76 6.92 5.06
CA GLN A 84 -28.24 6.11 6.17
C GLN A 84 -28.55 6.81 7.49
N GLY A 85 -29.42 6.22 8.29
CA GLY A 85 -29.90 6.87 9.50
C GLY A 85 -30.77 8.05 9.16
N ASN A 86 -30.48 9.20 9.75
CA ASN A 86 -31.23 10.42 9.46
C ASN A 86 -30.58 11.23 8.36
N ASP A 87 -29.45 10.74 7.85
CA ASP A 87 -28.74 11.41 6.77
C ASP A 87 -29.24 10.96 5.40
N ALA A 88 -30.02 11.82 4.75
CA ALA A 88 -30.59 11.49 3.45
C ALA A 88 -29.95 12.34 2.35
N GLY A 89 -29.82 11.76 1.16
CA GLY A 89 -29.24 12.46 0.03
C GLY A 89 -28.30 11.58 -0.77
N ARG A 90 -27.93 12.06 -1.96
CA ARG A 90 -27.03 11.32 -2.84
C ARG A 90 -25.62 11.22 -2.26
N GLN A 91 -25.25 12.16 -1.40
CA GLN A 91 -23.93 12.16 -0.78
C GLN A 91 -23.82 11.09 0.31
N TYR A 92 -24.95 10.46 0.65
CA TYR A 92 -24.96 9.42 1.67
C TYR A 92 -25.28 8.04 1.07
N ARG A 93 -25.24 7.94 -0.25
CA ARG A 93 -25.51 6.67 -0.90
C ARG A 93 -24.42 5.66 -0.56
N THR A 94 -24.80 4.39 -0.47
CA THR A 94 -23.84 3.34 -0.15
C THR A 94 -23.12 2.87 -1.40
N GLY A 95 -21.82 2.66 -1.28
CA GLY A 95 -21.03 2.21 -2.42
C GLY A 95 -19.66 1.66 -2.06
N ILE A 96 -19.16 0.78 -2.91
CA ILE A 96 -17.83 0.22 -2.76
C ILE A 96 -17.02 0.53 -4.01
N TYR A 97 -15.96 1.31 -3.85
CA TYR A 97 -15.18 1.77 -5.00
C TYR A 97 -13.77 1.21 -4.99
N TYR A 98 -13.34 0.69 -6.15
CA TYR A 98 -12.05 0.04 -6.27
C TYR A 98 -11.13 0.77 -7.24
N VAL A 99 -9.82 0.69 -6.96
CA VAL A 99 -8.81 1.19 -7.88
C VAL A 99 -8.00 0.01 -8.40
N ASP A 100 -8.21 -1.14 -7.76
CA ASP A 100 -7.52 -2.38 -8.11
C ASP A 100 -8.51 -3.33 -8.76
N ASP A 101 -8.33 -3.58 -10.06
CA ASP A 101 -9.26 -4.38 -10.84
C ASP A 101 -9.31 -5.85 -10.41
N SER A 102 -8.32 -6.28 -9.64
CA SER A 102 -8.28 -7.66 -9.15
C SER A 102 -9.32 -7.90 -8.07
N MET A 103 -9.88 -6.82 -7.52
CA MET A 103 -10.85 -6.91 -6.44
C MET A 103 -12.29 -7.02 -6.92
N ILE A 104 -12.51 -6.75 -8.20
CA ILE A 104 -13.85 -6.64 -8.76
C ILE A 104 -14.72 -7.89 -8.51
N LYS A 105 -14.18 -9.05 -8.82
CA LYS A 105 -14.94 -10.29 -8.68
C LYS A 105 -15.16 -10.65 -7.21
N GLU A 106 -14.21 -10.27 -6.36
CA GLU A 106 -14.35 -10.51 -4.93
C GLU A 106 -15.45 -9.63 -4.34
N ILE A 107 -15.46 -8.36 -4.73
CA ILE A 107 -16.47 -7.42 -4.26
C ILE A 107 -17.86 -7.84 -4.73
N ASN A 108 -17.97 -8.15 -6.01
CA ASN A 108 -19.26 -8.57 -6.58
C ASN A 108 -19.77 -9.86 -5.94
N SER A 109 -18.87 -10.81 -5.72
CA SER A 109 -19.23 -12.08 -5.10
C SER A 109 -19.73 -11.87 -3.67
N PHE A 110 -19.12 -10.93 -2.96
CA PHE A 110 -19.49 -10.67 -1.58
C PHE A 110 -20.86 -9.99 -1.48
N VAL A 111 -21.15 -9.12 -2.43
CA VAL A 111 -22.45 -8.45 -2.48
C VAL A 111 -23.55 -9.46 -2.74
N LYS A 112 -23.29 -10.38 -3.67
CA LYS A 112 -24.22 -11.47 -3.96
C LYS A 112 -24.40 -12.36 -2.73
N PHE A 113 -23.31 -12.57 -2.01
CA PHE A 113 -23.33 -13.34 -0.76
C PHE A 113 -24.25 -12.69 0.28
N MET A 114 -24.14 -11.38 0.41
CA MET A 114 -24.93 -10.63 1.39
C MET A 114 -26.41 -10.57 1.00
N GLN A 115 -26.70 -10.66 -0.29
CA GLN A 115 -28.07 -10.59 -0.79
C GLN A 115 -28.94 -11.71 -0.23
N LYS A 116 -28.33 -12.86 0.06
CA LYS A 116 -29.04 -14.00 0.61
C LYS A 116 -29.58 -13.74 2.01
N LYS A 117 -29.14 -12.64 2.63
CA LYS A 117 -29.57 -12.30 3.98
C LYS A 117 -30.62 -11.19 3.98
N TYR A 118 -31.03 -10.76 2.79
CA TYR A 118 -32.00 -9.67 2.68
C TYR A 118 -33.11 -9.98 1.68
N SER A 119 -34.35 -9.74 2.09
CA SER A 119 -35.49 -9.90 1.20
C SER A 119 -35.50 -8.79 0.16
N ARG A 120 -35.31 -7.56 0.61
CA ARG A 120 -35.22 -6.41 -0.28
C ARG A 120 -33.88 -6.41 -1.00
N PRO A 121 -33.87 -5.95 -2.26
CA PRO A 121 -32.63 -5.94 -3.05
C PRO A 121 -31.60 -4.95 -2.52
N ILE A 122 -30.34 -5.37 -2.47
CA ILE A 122 -29.23 -4.52 -2.04
C ILE A 122 -28.95 -3.46 -3.10
N VAL A 123 -28.87 -2.20 -2.66
CA VAL A 123 -28.70 -1.09 -3.58
C VAL A 123 -27.32 -0.46 -3.49
N VAL A 124 -26.40 -1.13 -2.78
CA VAL A 124 -25.02 -0.69 -2.71
C VAL A 124 -24.37 -0.76 -4.09
N GLU A 125 -23.87 0.38 -4.57
CA GLU A 125 -23.26 0.42 -5.90
C GLU A 125 -21.81 -0.02 -5.88
N VAL A 126 -21.42 -0.79 -6.89
CA VAL A 126 -20.04 -1.21 -7.05
C VAL A 126 -19.47 -0.62 -8.35
N GLU A 127 -18.59 0.36 -8.22
CA GLU A 127 -18.03 1.05 -9.38
C GLU A 127 -16.52 1.22 -9.21
N LYS A 128 -15.83 1.37 -10.34
CA LYS A 128 -14.42 1.75 -10.31
C LYS A 128 -14.32 3.19 -9.81
N LEU A 129 -13.44 3.43 -8.86
CA LEU A 129 -13.21 4.77 -8.36
C LEU A 129 -12.75 5.67 -9.50
N LYS A 130 -13.41 6.82 -9.64
CA LYS A 130 -13.13 7.75 -10.73
C LYS A 130 -12.52 9.05 -10.25
N HIS A 131 -12.96 9.51 -9.10
CA HIS A 131 -12.36 10.66 -8.43
C HIS A 131 -12.49 10.49 -6.93
N PHE A 132 -11.50 10.97 -6.20
CA PHE A 132 -11.59 10.98 -4.75
C PHE A 132 -11.00 12.28 -4.24
N ILE A 133 -11.87 13.19 -3.82
CA ILE A 133 -11.43 14.50 -3.36
C ILE A 133 -11.23 14.46 -1.84
N LEU A 134 -9.98 14.63 -1.42
CA LEU A 134 -9.64 14.59 -0.01
C LEU A 134 -10.33 15.71 0.76
N ALA A 135 -11.02 15.35 1.84
CA ALA A 135 -11.71 16.33 2.66
C ALA A 135 -10.71 17.14 3.47
N GLU A 136 -11.17 18.27 4.01
CA GLU A 136 -10.32 19.14 4.79
C GLU A 136 -9.89 18.47 6.09
N ASP A 137 -8.81 18.99 6.69
CA ASP A 137 -8.29 18.44 7.95
C ASP A 137 -9.33 18.45 9.05
N TYR A 138 -10.29 19.37 8.93
CA TYR A 138 -11.43 19.43 9.83
C TYR A 138 -12.20 18.12 9.87
N HIS A 139 -12.38 17.52 8.70
CA HIS A 139 -13.13 16.27 8.58
C HIS A 139 -12.25 15.03 8.76
N GLN A 140 -10.95 15.23 8.88
CA GLN A 140 -10.02 14.10 9.06
C GLN A 140 -9.89 13.76 10.54
N ASP A 141 -10.22 12.52 10.88
CA ASP A 141 -10.27 12.08 12.28
C ASP A 141 -11.13 13.03 13.10
N TYR A 142 -12.31 13.34 12.58
CA TYR A 142 -13.23 14.30 13.19
C TYR A 142 -13.65 13.89 14.60
N LEU A 143 -14.09 12.65 14.75
CA LEU A 143 -14.59 12.16 16.03
C LEU A 143 -13.47 12.00 17.05
N GLN A 144 -12.23 11.92 16.57
CA GLN A 144 -11.08 11.85 17.45
C GLN A 144 -10.77 13.23 18.02
N LYS A 145 -10.89 14.25 17.17
CA LYS A 145 -10.67 15.63 17.57
C LYS A 145 -11.86 16.16 18.37
N ASN A 146 -13.06 15.82 17.93
CA ASN A 146 -14.29 16.25 18.58
C ASN A 146 -15.11 15.07 19.06
N PRO A 147 -14.83 14.58 20.28
CA PRO A 147 -15.46 13.39 20.84
C PRO A 147 -16.98 13.55 21.02
N GLY A 148 -17.46 14.78 21.04
CA GLY A 148 -18.89 15.03 21.16
C GLY A 148 -19.55 15.13 19.80
N GLY A 149 -18.82 14.75 18.76
CA GLY A 149 -19.31 14.84 17.40
C GLY A 149 -20.42 13.86 17.09
N TYR A 150 -21.16 14.12 16.01
CA TYR A 150 -22.25 13.26 15.58
C TYR A 150 -21.73 11.95 14.99
N CYS A 151 -22.42 10.86 15.27
CA CYS A 151 -22.01 9.54 14.80
C CYS A 151 -23.17 8.55 14.89
N HIS A 152 -23.73 8.20 13.74
CA HIS A 152 -24.83 7.25 13.67
C HIS A 152 -24.37 5.86 14.11
N ILE A 153 -23.18 5.47 13.65
CA ILE A 153 -22.60 4.17 13.96
C ILE A 153 -22.25 4.05 15.44
N ASP A 154 -22.45 2.85 16.01
CA ASP A 154 -21.98 2.57 17.35
C ASP A 154 -20.52 2.11 17.28
N LEU A 155 -19.60 3.02 17.58
CA LEU A 155 -18.17 2.78 17.41
C LEU A 155 -17.64 1.64 18.30
N THR A 156 -18.38 1.33 19.36
CA THR A 156 -17.96 0.27 20.27
C THR A 156 -18.09 -1.11 19.63
N LEU A 157 -18.83 -1.18 18.52
CA LEU A 157 -18.99 -2.43 17.79
C LEU A 157 -17.67 -2.92 17.20
N ALA A 158 -16.79 -1.99 16.85
CA ALA A 158 -15.47 -2.33 16.31
C ALA A 158 -14.64 -3.11 17.31
N LEU A 159 -14.98 -2.99 18.59
CA LEU A 159 -14.29 -3.71 19.63
C LEU A 159 -15.13 -4.89 20.12
N LYS A 160 -16.21 -5.16 19.38
CA LYS A 160 -17.09 -6.28 19.68
C LYS A 160 -17.05 -7.29 18.54
N PRO A 161 -17.45 -8.55 18.81
CA PRO A 161 -17.40 -9.60 17.80
C PRO A 161 -18.13 -9.26 16.50
N LEU A 162 -17.48 -9.53 15.37
CA LEU A 162 -18.07 -9.29 14.06
C LEU A 162 -19.18 -10.28 13.77
N TYR A 163 -19.02 -11.51 14.28
CA TYR A 163 -20.00 -12.57 14.06
C TYR A 163 -20.57 -13.06 15.36
N ASP A 164 -21.67 -13.81 15.27
CA ASP A 164 -22.29 -14.42 16.44
C ASP A 164 -21.33 -15.41 17.11
N GLU A 165 -20.90 -15.08 18.32
CA GLU A 165 -19.97 -15.94 19.06
C GLU A 165 -20.64 -16.56 20.27
N SER A 166 -21.97 -16.54 20.28
CA SER A 166 -22.75 -17.10 21.38
C SER A 166 -22.62 -18.62 21.46
N LYS A 167 -22.41 -19.27 20.33
CA LYS A 167 -22.29 -20.72 20.28
C LYS A 167 -20.85 -21.19 20.52
N PHE A 168 -19.96 -20.23 20.74
CA PHE A 168 -18.54 -20.52 20.92
C PHE A 168 -18.16 -20.43 22.41
N LYS A 169 -18.98 -21.03 23.26
CA LYS A 169 -18.80 -20.99 24.71
C LYS A 169 -17.67 -21.90 25.13
N VAL A 170 -16.92 -21.49 26.16
CA VAL A 170 -15.78 -22.27 26.63
C VAL A 170 -16.16 -23.20 27.79
N PRO A 171 -15.89 -24.50 27.64
CA PRO A 171 -16.06 -25.44 28.76
C PRO A 171 -14.96 -25.19 29.78
N SER A 172 -15.14 -25.59 31.03
CA SER A 172 -14.05 -25.48 31.99
C SER A 172 -13.09 -26.64 31.74
N LYS A 173 -11.92 -26.59 32.35
CA LYS A 173 -10.90 -27.64 32.24
C LYS A 173 -11.39 -29.10 32.38
N GLU A 174 -12.37 -29.34 33.24
CA GLU A 174 -12.73 -30.70 33.62
C GLU A 174 -13.60 -31.40 32.56
N GLU A 175 -14.43 -30.63 31.87
CA GLU A 175 -15.20 -31.15 30.73
C GLU A 175 -14.26 -31.54 29.57
N LEU A 176 -13.29 -30.67 29.32
CA LEU A 176 -12.34 -30.85 28.22
C LEU A 176 -11.51 -32.09 28.47
N LYS A 177 -11.36 -32.42 29.74
CA LYS A 177 -10.57 -33.57 30.16
C LYS A 177 -11.30 -34.86 29.76
N LYS A 178 -12.61 -34.79 29.63
CA LYS A 178 -13.41 -35.95 29.22
C LYS A 178 -13.68 -35.92 27.73
N SER A 179 -13.80 -34.72 27.17
CA SER A 179 -14.13 -34.55 25.76
C SER A 179 -12.96 -34.80 24.83
N LEU A 180 -11.81 -34.21 25.16
CA LEU A 180 -10.64 -34.24 24.28
C LEU A 180 -9.78 -35.49 24.45
N LYS A 181 -9.06 -35.85 23.39
CA LYS A 181 -8.01 -36.86 23.49
C LYS A 181 -6.84 -36.27 24.27
N PRO A 182 -5.99 -37.12 24.87
CA PRO A 182 -4.85 -36.64 25.65
C PRO A 182 -3.98 -35.61 24.91
N ILE A 183 -3.68 -35.87 23.65
CA ILE A 183 -2.85 -34.97 22.86
C ILE A 183 -3.56 -33.63 22.59
N GLN A 184 -4.89 -33.67 22.47
CA GLN A 184 -5.68 -32.46 22.24
C GLN A 184 -5.71 -31.60 23.49
N PHE A 185 -5.87 -32.25 24.64
CA PHE A 185 -5.89 -31.56 25.92
C PHE A 185 -4.52 -30.98 26.24
N SER A 186 -3.48 -31.78 26.00
CA SER A 186 -2.10 -31.37 26.27
C SER A 186 -1.71 -30.13 25.49
N VAL A 187 -2.00 -30.14 24.19
CA VAL A 187 -1.66 -29.01 23.31
C VAL A 187 -2.41 -27.74 23.70
N THR A 188 -3.73 -27.85 23.85
CA THR A 188 -4.57 -26.68 24.04
C THR A 188 -4.56 -26.14 25.48
N GLN A 189 -4.46 -27.05 26.46
CA GLN A 189 -4.58 -26.64 27.85
C GLN A 189 -3.24 -26.63 28.60
N GLU A 190 -2.23 -27.28 28.04
CA GLU A 190 -0.93 -27.37 28.69
C GLU A 190 0.20 -26.88 27.79
N LYS A 191 -0.16 -26.18 26.71
CA LYS A 191 0.80 -25.60 25.78
C LYS A 191 1.78 -26.62 25.19
N ALA A 192 1.36 -27.87 25.08
CA ALA A 192 2.22 -28.90 24.51
C ALA A 192 2.34 -28.71 23.00
N THR A 193 3.26 -29.46 22.39
CA THR A 193 3.46 -29.40 20.95
C THR A 193 3.48 -30.80 20.35
N GLU A 194 2.54 -31.06 19.44
CA GLU A 194 2.46 -32.36 18.78
C GLU A 194 3.72 -32.62 17.96
N ARG A 195 4.07 -33.90 17.82
CA ARG A 195 5.24 -34.27 17.05
C ARG A 195 5.00 -34.01 15.56
N PRO A 196 6.05 -33.56 14.86
CA PRO A 196 5.96 -33.22 13.43
C PRO A 196 5.39 -34.35 12.57
N PHE A 197 4.61 -33.98 11.56
CA PHE A 197 4.08 -34.90 10.57
C PHE A 197 3.14 -35.97 11.13
N THR A 198 2.65 -35.78 12.35
CA THR A 198 1.79 -36.77 12.98
C THR A 198 0.31 -36.45 12.80
N SER A 199 -0.01 -35.16 12.61
CA SER A 199 -1.39 -34.74 12.44
C SER A 199 -1.90 -35.02 11.04
N GLU A 200 -3.17 -35.38 10.93
CA GLU A 200 -3.80 -35.61 9.64
C GLU A 200 -3.94 -34.31 8.86
N TYR A 201 -3.87 -33.18 9.57
CA TYR A 201 -4.02 -31.87 8.96
C TYR A 201 -2.70 -31.34 8.40
N ASP A 202 -1.65 -32.13 8.54
CA ASP A 202 -0.35 -31.74 8.00
C ASP A 202 -0.40 -31.80 6.47
N LYS A 203 -0.51 -33.02 5.95
CA LYS A 203 -0.72 -33.22 4.52
C LYS A 203 -2.22 -33.28 4.23
N PHE A 204 -2.82 -32.10 4.05
CA PHE A 204 -4.26 -31.97 3.93
C PHE A 204 -4.58 -30.72 3.13
N ASP A 205 -5.48 -30.85 2.15
CA ASP A 205 -5.67 -29.78 1.18
C ASP A 205 -7.13 -29.54 0.78
N ALA A 206 -8.05 -30.04 1.56
CA ALA A 206 -9.44 -29.82 1.26
C ALA A 206 -9.94 -28.44 1.65
N GLU A 207 -10.94 -27.97 0.92
CA GLU A 207 -11.47 -26.63 1.14
C GLU A 207 -12.40 -26.58 2.35
N GLY A 208 -12.21 -25.58 3.20
CA GLY A 208 -13.02 -25.44 4.40
C GLY A 208 -12.34 -24.59 5.45
N ILE A 209 -12.90 -24.56 6.66
CA ILE A 209 -12.32 -23.78 7.74
C ILE A 209 -11.82 -24.65 8.88
N TYR A 210 -10.85 -24.14 9.63
CA TYR A 210 -10.35 -24.81 10.82
C TYR A 210 -10.82 -24.07 12.08
N VAL A 211 -11.52 -24.78 12.95
CA VAL A 211 -12.13 -24.16 14.11
C VAL A 211 -11.45 -24.62 15.40
N ASP A 212 -11.54 -23.78 16.43
CA ASP A 212 -11.02 -24.13 17.76
C ASP A 212 -11.72 -25.40 18.26
N ILE A 213 -10.92 -26.42 18.56
CA ILE A 213 -11.43 -27.71 18.97
C ILE A 213 -12.11 -27.65 20.34
N THR A 214 -11.91 -26.54 21.05
CA THR A 214 -12.48 -26.38 22.38
C THR A 214 -13.72 -25.49 22.39
N THR A 215 -13.85 -24.62 21.39
CA THR A 215 -14.96 -23.67 21.36
C THR A 215 -15.78 -23.74 20.07
N GLY A 216 -15.16 -24.17 18.99
CA GLY A 216 -15.85 -24.27 17.72
C GLY A 216 -15.76 -23.00 16.87
N LYS A 217 -15.02 -22.01 17.39
CA LYS A 217 -14.84 -20.75 16.68
C LYS A 217 -13.80 -20.88 15.57
N PRO A 218 -14.13 -20.38 14.37
CA PRO A 218 -13.21 -20.41 13.22
C PRO A 218 -11.90 -19.69 13.50
N LEU A 219 -10.79 -20.31 13.12
CA LEU A 219 -9.47 -19.73 13.37
C LEU A 219 -8.69 -19.52 12.08
N PHE A 220 -8.79 -20.48 11.16
CA PHE A 220 -8.05 -20.42 9.91
C PHE A 220 -8.88 -20.91 8.72
N SER A 221 -8.53 -20.44 7.53
CA SER A 221 -9.17 -20.88 6.30
C SER A 221 -8.22 -21.75 5.48
N SER A 222 -8.78 -22.72 4.76
CA SER A 222 -7.98 -23.59 3.90
C SER A 222 -7.30 -22.82 2.78
N LEU A 223 -7.85 -21.67 2.45
CA LEU A 223 -7.32 -20.83 1.38
C LEU A 223 -5.96 -20.25 1.76
N ASN A 224 -5.71 -20.14 3.07
CA ASN A 224 -4.46 -19.58 3.57
C ASN A 224 -3.48 -20.66 4.00
N LYS A 225 -3.87 -21.91 3.78
CA LYS A 225 -3.04 -23.04 4.20
C LYS A 225 -2.01 -23.39 3.12
N TYR A 226 -0.80 -23.76 3.56
CA TYR A 226 0.25 -24.16 2.64
C TYR A 226 1.23 -25.11 3.33
N ASP A 227 2.08 -25.75 2.53
CA ASP A 227 3.04 -26.72 3.05
C ASP A 227 4.37 -26.05 3.34
N ALA A 228 4.65 -25.85 4.63
CA ALA A 228 5.91 -25.25 5.05
C ALA A 228 7.01 -26.33 5.17
N GLY A 229 6.58 -27.58 5.18
CA GLY A 229 7.49 -28.71 5.25
C GLY A 229 8.09 -28.95 6.62
N CYS A 230 7.51 -28.33 7.64
CA CYS A 230 8.03 -28.45 9.00
C CYS A 230 7.24 -29.46 9.83
N GLY A 231 6.24 -30.08 9.22
CA GLY A 231 5.49 -31.14 9.87
C GLY A 231 4.22 -30.69 10.59
N TRP A 232 3.95 -29.39 10.58
CA TRP A 232 2.74 -28.87 11.19
C TRP A 232 1.88 -28.11 10.19
N PRO A 233 0.56 -28.12 10.40
CA PRO A 233 -0.37 -27.28 9.62
C PRO A 233 0.09 -25.82 9.64
N SER A 234 0.31 -25.24 8.47
CA SER A 234 0.85 -23.89 8.37
C SER A 234 -0.09 -22.96 7.62
N PHE A 235 -0.26 -21.75 8.15
CA PHE A 235 -1.16 -20.77 7.54
C PHE A 235 -0.46 -19.42 7.38
N THR A 236 -0.91 -18.63 6.42
CA THR A 236 -0.32 -17.33 6.14
C THR A 236 -0.97 -16.22 6.93
N LYS A 237 -2.18 -16.47 7.43
CA LYS A 237 -2.92 -15.50 8.23
C LYS A 237 -4.06 -16.15 8.99
N ALA A 238 -4.66 -15.40 9.92
CA ALA A 238 -5.85 -15.86 10.61
C ALA A 238 -7.08 -15.59 9.73
N ILE A 239 -8.16 -16.31 10.01
CA ILE A 239 -9.37 -16.16 9.19
C ILE A 239 -10.00 -14.79 9.43
N THR A 240 -9.90 -14.29 10.67
CA THR A 240 -10.34 -12.94 11.02
C THR A 240 -9.33 -12.30 11.97
N THR A 241 -9.49 -11.01 12.20
CA THR A 241 -8.62 -10.29 13.13
C THR A 241 -9.04 -10.55 14.58
N GLN A 242 -10.17 -11.24 14.74
CA GLN A 242 -10.75 -11.47 16.06
C GLN A 242 -10.53 -12.91 16.53
N ALA A 243 -9.71 -13.65 15.80
CA ALA A 243 -9.52 -15.07 16.07
C ALA A 243 -8.37 -15.36 17.03
N LEU A 244 -7.26 -14.64 16.87
CA LEU A 244 -6.04 -14.97 17.60
C LEU A 244 -5.58 -13.89 18.56
N GLN A 245 -4.80 -14.30 19.56
CA GLN A 245 -4.07 -13.38 20.44
C GLN A 245 -2.60 -13.80 20.48
N TYR A 246 -1.71 -12.83 20.62
CA TYR A 246 -0.27 -13.10 20.55
C TYR A 246 0.41 -12.86 21.89
N LEU A 247 1.33 -13.76 22.25
CA LEU A 247 2.05 -13.66 23.53
C LEU A 247 3.56 -13.87 23.38
N GLU A 248 4.33 -13.02 24.04
CA GLU A 248 5.76 -13.22 24.20
C GLU A 248 6.04 -14.59 24.82
N ASP A 249 6.96 -15.35 24.22
CA ASP A 249 7.28 -16.69 24.68
C ASP A 249 8.78 -16.93 24.70
N LYS A 250 9.34 -17.07 25.89
CA LYS A 250 10.78 -17.31 26.02
C LYS A 250 11.06 -18.78 26.30
N SER A 251 10.09 -19.62 25.95
CA SER A 251 10.23 -21.07 26.12
C SER A 251 11.45 -21.64 25.39
N LEU A 252 12.06 -22.64 26.01
CA LEU A 252 13.17 -23.40 25.41
C LEU A 252 14.37 -22.54 25.04
N GLY A 253 14.50 -21.38 25.67
CA GLY A 253 15.65 -20.53 25.46
C GLY A 253 15.67 -19.86 24.09
N MET A 254 14.50 -19.56 23.56
CA MET A 254 14.40 -18.92 22.25
C MET A 254 13.60 -17.63 22.30
N ASN A 255 13.46 -16.98 21.15
CA ASN A 255 12.62 -15.79 21.02
C ASN A 255 11.49 -16.03 20.03
N ARG A 256 10.29 -16.28 20.56
CA ARG A 256 9.15 -16.64 19.72
C ARG A 256 7.86 -15.96 20.15
N THR A 257 6.90 -15.91 19.23
CA THR A 257 5.57 -15.38 19.53
C THR A 257 4.57 -16.53 19.61
N GLU A 258 3.88 -16.64 20.74
CA GLU A 258 2.91 -17.72 20.91
C GLU A 258 1.54 -17.32 20.38
N VAL A 259 0.90 -18.25 19.67
CA VAL A 259 -0.44 -18.02 19.14
C VAL A 259 -1.49 -18.68 20.02
N VAL A 260 -2.43 -17.88 20.49
CA VAL A 260 -3.50 -18.39 21.36
C VAL A 260 -4.86 -17.88 20.88
N SER A 261 -5.90 -18.71 21.06
CA SER A 261 -7.25 -18.32 20.69
C SER A 261 -7.73 -17.16 21.54
N LYS A 262 -8.28 -16.13 20.91
CA LYS A 262 -8.75 -14.95 21.63
C LYS A 262 -9.95 -15.28 22.51
N THR A 263 -10.86 -16.10 21.99
CA THR A 263 -12.05 -16.47 22.74
C THR A 263 -11.74 -17.60 23.73
N GLY A 264 -11.29 -18.73 23.20
CA GLY A 264 -10.90 -19.86 24.02
C GLY A 264 -9.82 -19.54 25.04
N GLY A 265 -8.67 -19.11 24.54
CA GLY A 265 -7.49 -18.94 25.39
C GLY A 265 -6.58 -20.14 25.21
N ALA A 266 -7.05 -21.11 24.45
CA ALA A 266 -6.31 -22.35 24.21
C ALA A 266 -5.05 -22.11 23.38
N HIS A 267 -4.00 -22.84 23.72
CA HIS A 267 -2.74 -22.76 22.98
C HIS A 267 -2.91 -23.39 21.59
N LEU A 268 -2.46 -22.68 20.56
CA LEU A 268 -2.59 -23.16 19.20
C LEU A 268 -1.23 -23.48 18.58
N GLY A 269 -0.26 -22.61 18.83
CA GLY A 269 1.08 -22.80 18.31
C GLY A 269 1.88 -21.51 18.33
N HIS A 270 2.68 -21.30 17.29
CA HIS A 270 3.51 -20.11 17.19
C HIS A 270 3.44 -19.50 15.79
N VAL A 271 3.71 -18.19 15.71
CA VAL A 271 3.76 -17.52 14.42
C VAL A 271 5.19 -17.02 14.13
N PHE A 272 5.70 -17.38 12.96
CA PHE A 272 7.06 -16.99 12.57
C PHE A 272 7.03 -16.00 11.41
N ASP A 273 8.19 -15.45 11.09
CA ASP A 273 8.30 -14.43 10.05
C ASP A 273 8.96 -15.00 8.80
N ASP A 274 9.03 -16.32 8.70
CA ASP A 274 9.66 -16.98 7.56
C ASP A 274 8.62 -17.59 6.62
N GLY A 275 7.43 -17.00 6.61
CA GLY A 275 6.39 -17.45 5.70
C GLY A 275 6.60 -16.90 4.30
N PRO A 276 5.77 -17.33 3.34
CA PRO A 276 5.84 -16.84 1.96
C PRO A 276 5.62 -15.34 1.89
N ALA A 277 6.59 -14.63 1.32
CA ALA A 277 6.60 -13.17 1.33
C ALA A 277 5.42 -12.56 0.56
N ASP A 278 4.97 -13.25 -0.48
CA ASP A 278 3.87 -12.74 -1.29
C ASP A 278 2.54 -12.83 -0.55
N ALA A 279 2.49 -13.66 0.49
CA ALA A 279 1.27 -13.81 1.28
C ALA A 279 1.34 -12.98 2.56
N GLY A 280 2.46 -12.27 2.75
CA GLY A 280 2.63 -11.44 3.92
C GLY A 280 3.87 -11.77 4.72
N GLY A 281 4.46 -12.93 4.43
CA GLY A 281 5.69 -13.34 5.08
C GLY A 281 5.49 -13.95 6.45
N LEU A 282 4.25 -14.23 6.81
CA LEU A 282 3.94 -14.82 8.11
C LEU A 282 3.72 -16.33 8.00
N ARG A 283 4.30 -17.08 8.93
CA ARG A 283 4.05 -18.51 9.00
C ARG A 283 3.40 -18.87 10.33
N TYR A 284 2.11 -19.18 10.28
CA TYR A 284 1.40 -19.64 11.47
C TYR A 284 1.52 -21.14 11.63
N SER A 285 2.40 -21.56 12.54
CA SER A 285 2.60 -22.98 12.81
C SER A 285 1.63 -23.42 13.90
N ILE A 286 0.64 -24.22 13.51
CA ILE A 286 -0.44 -24.59 14.42
C ILE A 286 -0.56 -26.10 14.57
N ASN A 287 -0.67 -26.56 15.82
CA ASN A 287 -0.91 -27.97 16.08
C ASN A 287 -2.25 -28.43 15.54
N GLY A 288 -2.24 -29.52 14.78
CA GLY A 288 -3.46 -30.09 14.24
C GLY A 288 -4.41 -30.52 15.35
N ALA A 289 -3.85 -30.94 16.47
CA ALA A 289 -4.63 -31.39 17.62
C ALA A 289 -5.51 -30.29 18.20
N ALA A 290 -5.12 -29.03 17.93
CA ALA A 290 -5.88 -27.89 18.43
C ALA A 290 -6.99 -27.47 17.47
N LEU A 291 -7.06 -28.12 16.31
CA LEU A 291 -8.00 -27.72 15.28
C LEU A 291 -9.03 -28.81 14.92
N ARG A 292 -10.21 -28.37 14.51
CA ARG A 292 -11.21 -29.26 13.93
C ARG A 292 -11.59 -28.76 12.54
N PHE A 293 -11.33 -29.58 11.52
CA PHE A 293 -11.60 -29.18 10.15
C PHE A 293 -13.07 -29.33 9.79
N ILE A 294 -13.61 -28.31 9.14
CA ILE A 294 -14.99 -28.33 8.70
C ILE A 294 -15.07 -28.07 7.20
N PRO A 295 -15.42 -29.11 6.42
CA PRO A 295 -15.51 -29.04 4.95
C PRO A 295 -16.45 -27.95 4.48
N TYR A 296 -16.13 -27.33 3.35
CA TYR A 296 -16.94 -26.26 2.77
C TYR A 296 -18.38 -26.69 2.55
N ASP A 297 -18.57 -27.92 2.11
CA ASP A 297 -19.91 -28.45 1.82
C ASP A 297 -20.81 -28.51 3.05
N LYS A 298 -20.21 -28.69 4.22
CA LYS A 298 -20.99 -28.81 5.46
C LYS A 298 -20.96 -27.54 6.30
N MET A 299 -20.24 -26.53 5.85
CA MET A 299 -20.10 -25.29 6.62
C MET A 299 -21.43 -24.59 6.87
N GLU A 300 -22.23 -24.44 5.82
CA GLU A 300 -23.52 -23.77 5.93
C GLU A 300 -24.49 -24.55 6.81
N LYS A 301 -24.45 -25.87 6.67
CA LYS A 301 -25.35 -26.76 7.41
C LYS A 301 -25.02 -26.82 8.90
N GLU A 302 -23.75 -26.63 9.23
CA GLU A 302 -23.31 -26.67 10.62
C GLU A 302 -23.27 -25.28 11.27
N GLY A 303 -23.81 -24.28 10.58
CA GLY A 303 -23.97 -22.96 11.15
C GLY A 303 -22.85 -21.99 10.85
N TYR A 304 -21.96 -22.36 9.93
CA TYR A 304 -20.82 -21.51 9.58
C TYR A 304 -21.00 -20.83 8.23
N GLY A 305 -22.23 -20.44 7.93
CA GLY A 305 -22.55 -19.81 6.65
C GLY A 305 -21.90 -18.45 6.46
N ASP A 306 -21.60 -17.76 7.55
CA ASP A 306 -21.02 -16.43 7.48
C ASP A 306 -19.55 -16.44 7.10
N TYR A 307 -18.94 -17.62 7.13
CA TYR A 307 -17.50 -17.74 6.91
C TYR A 307 -17.15 -18.29 5.54
N LEU A 308 -18.17 -18.47 4.70
CA LEU A 308 -17.98 -18.98 3.35
C LEU A 308 -17.04 -18.14 2.46
N PRO A 309 -17.16 -16.80 2.48
CA PRO A 309 -16.26 -16.03 1.61
C PRO A 309 -14.79 -16.15 1.97
N TYR A 310 -14.48 -16.55 3.19
CA TYR A 310 -13.09 -16.72 3.60
C TYR A 310 -12.47 -17.96 2.95
N VAL A 311 -13.33 -18.90 2.54
CA VAL A 311 -12.90 -20.09 1.83
C VAL A 311 -12.94 -19.87 0.32
N LYS A 312 -14.05 -19.33 -0.15
CA LYS A 312 -14.25 -19.04 -1.56
C LYS A 312 -14.65 -17.58 -1.76
N PRO A 313 -13.64 -16.69 -1.88
CA PRO A 313 -13.86 -15.25 -2.06
C PRO A 313 -14.70 -14.93 -3.28
N THR A 314 -14.66 -15.80 -4.29
CA THR A 314 -15.47 -15.62 -5.49
C THR A 314 -16.45 -16.78 -5.68
N GLY A 315 -17.57 -16.52 -6.34
CA GLY A 315 -18.54 -17.56 -6.64
C GLY A 315 -19.83 -17.49 -5.85
N ASN A 316 -19.83 -16.73 -4.75
CA ASN A 316 -21.03 -16.62 -3.93
C ASN A 316 -22.07 -15.69 -4.54
N MET B 1 -1.47 4.88 -6.48
CA MET B 1 -1.68 3.68 -5.69
C MET B 1 -0.53 3.44 -4.71
N ILE B 2 -0.84 2.80 -3.59
CA ILE B 2 0.19 2.40 -2.64
C ILE B 2 0.86 1.13 -3.14
N LYS B 3 2.19 1.14 -3.21
CA LYS B 3 2.94 0.00 -3.70
C LYS B 3 4.14 -0.28 -2.79
N GLU B 4 4.77 -1.43 -2.99
CA GLU B 4 5.92 -1.80 -2.18
C GLU B 4 7.02 -2.48 -2.99
N ILE B 5 8.27 -2.16 -2.65
CA ILE B 5 9.43 -2.72 -3.32
C ILE B 5 10.49 -3.03 -2.27
N TYR B 6 11.33 -4.04 -2.53
CA TYR B 6 12.34 -4.46 -1.56
C TYR B 6 13.74 -4.27 -2.12
N LEU B 7 14.56 -3.49 -1.42
CA LEU B 7 15.88 -3.14 -1.92
C LEU B 7 17.00 -3.53 -0.95
N ALA B 8 17.94 -4.33 -1.44
CA ALA B 8 19.13 -4.69 -0.66
C ALA B 8 20.35 -3.97 -1.20
N GLY B 9 20.89 -3.05 -0.42
CA GLY B 9 22.04 -2.26 -0.85
C GLY B 9 23.08 -2.09 0.25
N GLY B 10 23.45 -3.19 0.88
CA GLY B 10 24.44 -3.15 1.96
C GLY B 10 23.78 -3.08 3.32
N SER B 11 24.49 -2.47 4.27
CA SER B 11 23.96 -2.29 5.62
C SER B 11 22.65 -1.51 5.58
N PHE B 12 21.57 -2.14 6.06
CA PHE B 12 20.23 -1.56 5.91
C PHE B 12 20.03 -0.31 6.78
N TRP B 13 20.99 -0.03 7.65
CA TRP B 13 20.93 1.17 8.48
C TRP B 13 20.96 2.42 7.62
N GLY B 14 21.89 2.45 6.68
CA GLY B 14 22.03 3.59 5.79
C GLY B 14 20.97 3.62 4.70
N VAL B 15 20.62 2.44 4.20
CA VAL B 15 19.61 2.32 3.16
C VAL B 15 18.26 2.86 3.64
N GLU B 16 17.86 2.49 4.85
CA GLU B 16 16.61 2.98 5.41
C GLU B 16 16.71 4.46 5.73
N GLY B 17 17.86 4.87 6.25
CA GLY B 17 18.10 6.27 6.59
C GLY B 17 17.99 7.19 5.39
N TYR B 18 18.35 6.66 4.22
CA TYR B 18 18.26 7.42 2.98
C TYR B 18 16.83 7.51 2.48
N PHE B 19 16.21 6.36 2.25
CA PHE B 19 14.89 6.30 1.61
C PHE B 19 13.77 6.88 2.47
N ARG B 20 13.98 6.96 3.78
CA ARG B 20 12.98 7.53 4.67
C ARG B 20 12.85 9.03 4.46
N GLN B 21 13.84 9.62 3.80
CA GLN B 21 13.85 11.07 3.56
C GLN B 21 13.21 11.43 2.23
N ILE B 22 12.83 10.41 1.46
CA ILE B 22 12.29 10.64 0.12
C ILE B 22 10.77 10.75 0.15
N PRO B 23 10.23 11.84 -0.41
CA PRO B 23 8.79 12.09 -0.50
C PRO B 23 8.05 10.93 -1.17
N GLY B 24 6.87 10.61 -0.67
CA GLY B 24 6.09 9.51 -1.21
C GLY B 24 6.30 8.21 -0.45
N VAL B 25 7.44 8.09 0.21
CA VAL B 25 7.72 6.92 1.04
C VAL B 25 6.91 6.99 2.32
N LYS B 26 6.06 5.99 2.53
CA LYS B 26 5.12 6.02 3.65
C LYS B 26 5.58 5.14 4.81
N GLU B 27 6.43 4.15 4.52
CA GLU B 27 6.91 3.23 5.54
C GLU B 27 8.18 2.51 5.10
N THR B 28 9.14 2.40 6.02
CA THR B 28 10.37 1.64 5.77
C THR B 28 10.59 0.62 6.87
N ASP B 29 11.06 -0.57 6.50
CA ASP B 29 11.38 -1.61 7.46
C ASP B 29 12.64 -2.36 7.04
N THR B 30 13.55 -2.57 8.00
CA THR B 30 14.77 -3.31 7.73
C THR B 30 14.56 -4.79 8.00
N GLY B 31 15.21 -5.64 7.21
CA GLY B 31 15.04 -7.08 7.36
C GLY B 31 16.02 -7.90 6.54
N TYR B 32 15.76 -9.20 6.47
CA TYR B 32 16.64 -10.14 5.79
C TYR B 32 15.85 -10.93 4.74
N ALA B 33 16.28 -10.81 3.48
CA ALA B 33 15.52 -11.37 2.37
C ALA B 33 16.21 -12.54 1.67
N ASN B 34 15.41 -13.53 1.29
CA ASN B 34 15.89 -14.69 0.53
C ASN B 34 17.08 -15.40 1.18
N SER B 48 20.64 -19.90 6.70
CA SER B 48 20.76 -19.57 5.29
C SER B 48 21.39 -18.20 5.09
N ASP B 49 21.71 -17.87 3.84
CA ASP B 49 22.39 -16.62 3.53
C ASP B 49 21.40 -15.56 3.07
N HIS B 50 20.92 -14.76 4.02
CA HIS B 50 19.93 -13.73 3.73
C HIS B 50 20.62 -12.39 3.46
N ALA B 51 20.06 -11.63 2.53
CA ALA B 51 20.59 -10.31 2.23
C ALA B 51 19.89 -9.24 3.07
N GLU B 52 20.67 -8.29 3.57
CA GLU B 52 20.13 -7.19 4.35
C GLU B 52 19.29 -6.27 3.44
N THR B 53 17.99 -6.23 3.70
CA THR B 53 17.06 -5.57 2.80
C THR B 53 16.13 -4.61 3.54
N VAL B 54 15.77 -3.52 2.87
CA VAL B 54 14.83 -2.56 3.43
C VAL B 54 13.51 -2.59 2.65
N LYS B 55 12.42 -2.84 3.37
CA LYS B 55 11.09 -2.81 2.77
C LYS B 55 10.64 -1.38 2.53
N ILE B 56 10.26 -1.07 1.30
CA ILE B 56 9.84 0.28 0.94
C ILE B 56 8.37 0.33 0.53
N VAL B 57 7.53 0.93 1.37
CA VAL B 57 6.13 1.14 1.03
C VAL B 57 5.94 2.59 0.59
N TYR B 58 5.43 2.78 -0.61
CA TYR B 58 5.38 4.12 -1.19
C TYR B 58 4.09 4.39 -1.98
N ASP B 59 3.80 5.68 -2.17
CA ASP B 59 2.69 6.12 -3.00
C ASP B 59 3.20 6.47 -4.38
N SER B 60 2.77 5.70 -5.38
CA SER B 60 3.26 5.86 -6.74
C SER B 60 2.81 7.18 -7.37
N SER B 61 1.82 7.82 -6.77
CA SER B 61 1.32 9.10 -7.26
C SER B 61 2.30 10.22 -6.93
N VAL B 62 3.17 9.99 -5.95
CA VAL B 62 4.16 10.98 -5.56
C VAL B 62 5.54 10.62 -6.12
N VAL B 63 6.01 9.42 -5.78
CA VAL B 63 7.30 8.94 -6.30
C VAL B 63 7.11 7.66 -7.11
N SER B 64 7.67 7.65 -8.32
CA SER B 64 7.55 6.49 -9.20
C SER B 64 8.60 5.44 -8.86
N LEU B 65 8.35 4.21 -9.29
CA LEU B 65 9.32 3.14 -9.16
C LEU B 65 10.62 3.51 -9.84
N GLN B 66 10.52 4.25 -10.94
CA GLN B 66 11.67 4.70 -11.70
C GLN B 66 12.60 5.57 -10.85
N GLU B 67 12.02 6.52 -10.12
CA GLU B 67 12.81 7.39 -9.25
C GLU B 67 13.42 6.61 -8.09
N LEU B 68 12.64 5.70 -7.52
CA LEU B 68 13.11 4.88 -6.40
C LEU B 68 14.31 4.03 -6.80
N LEU B 69 14.26 3.46 -8.00
CA LEU B 69 15.36 2.66 -8.50
C LEU B 69 16.55 3.57 -8.87
N ALA B 70 16.24 4.80 -9.27
CA ALA B 70 17.28 5.78 -9.55
C ALA B 70 18.03 6.14 -8.27
N HIS B 71 17.28 6.35 -7.19
CA HIS B 71 17.88 6.59 -5.88
C HIS B 71 18.72 5.40 -5.44
N TYR B 72 18.19 4.20 -5.68
CA TYR B 72 18.85 2.97 -5.28
C TYR B 72 20.21 2.81 -5.93
N PHE B 73 20.27 2.99 -7.25
CA PHE B 73 21.52 2.87 -7.98
C PHE B 73 22.48 4.01 -7.65
N ARG B 74 21.93 5.11 -7.14
CA ARG B 74 22.75 6.26 -6.77
C ARG B 74 23.60 5.99 -5.54
N ILE B 75 23.08 5.17 -4.63
CA ILE B 75 23.73 4.94 -3.34
C ILE B 75 24.45 3.61 -3.25
N ILE B 76 24.54 2.88 -4.36
CA ILE B 76 25.24 1.60 -4.38
C ILE B 76 26.24 1.49 -5.51
N ASP B 77 27.12 0.49 -5.40
CA ASP B 77 27.97 0.09 -6.51
C ASP B 77 27.40 -1.17 -7.14
N PRO B 78 26.72 -1.02 -8.28
CA PRO B 78 26.01 -2.13 -8.92
C PRO B 78 26.94 -3.14 -9.59
N THR B 79 28.24 -2.87 -9.61
CA THR B 79 29.20 -3.77 -10.22
C THR B 79 29.96 -4.58 -9.18
N SER B 80 29.76 -4.25 -7.90
CA SER B 80 30.46 -4.93 -6.82
C SER B 80 29.68 -6.14 -6.32
N LEU B 81 30.36 -7.27 -6.22
CA LEU B 81 29.74 -8.51 -5.77
C LEU B 81 29.96 -8.77 -4.28
N ASN B 82 28.87 -8.94 -3.56
CA ASN B 82 28.89 -9.29 -2.13
C ASN B 82 29.71 -8.33 -1.28
N LYS B 83 29.74 -7.05 -1.65
CA LYS B 83 30.47 -6.04 -0.90
C LYS B 83 30.03 -4.63 -1.25
N GLN B 84 29.63 -3.88 -0.23
CA GLN B 84 29.30 -2.47 -0.39
C GLN B 84 30.10 -1.65 0.63
N GLY B 85 31.02 -0.85 0.14
CA GLY B 85 31.95 -0.14 1.00
C GLY B 85 32.90 -1.13 1.65
N ASN B 86 33.05 -1.02 2.98
CA ASN B 86 33.89 -1.95 3.71
C ASN B 86 33.11 -3.15 4.25
N ASP B 87 31.80 -3.16 4.00
CA ASP B 87 30.96 -4.26 4.44
C ASP B 87 30.92 -5.36 3.38
N ALA B 88 31.64 -6.45 3.63
CA ALA B 88 31.73 -7.54 2.69
C ALA B 88 30.98 -8.78 3.19
N GLY B 89 30.44 -9.55 2.25
CA GLY B 89 29.70 -10.75 2.59
C GLY B 89 28.44 -10.93 1.76
N ARG B 90 27.86 -12.12 1.82
CA ARG B 90 26.64 -12.42 1.08
C ARG B 90 25.44 -11.65 1.61
N GLN B 91 25.50 -11.24 2.87
CA GLN B 91 24.41 -10.48 3.47
C GLN B 91 24.40 -9.04 2.98
N TYR B 92 25.45 -8.65 2.25
CA TYR B 92 25.56 -7.30 1.73
C TYR B 92 25.45 -7.26 0.21
N ARG B 93 25.03 -8.37 -0.39
CA ARG B 93 24.87 -8.43 -1.84
C ARG B 93 23.74 -7.51 -2.29
N THR B 94 23.90 -6.92 -3.47
CA THR B 94 22.89 -6.01 -4.01
C THR B 94 21.79 -6.78 -4.72
N GLY B 95 20.55 -6.36 -4.50
CA GLY B 95 19.42 -7.01 -5.12
C GLY B 95 18.14 -6.20 -5.07
N ILE B 96 17.27 -6.43 -6.04
CA ILE B 96 15.95 -5.80 -6.09
C ILE B 96 14.89 -6.90 -6.08
N TYR B 97 14.07 -6.91 -5.04
CA TYR B 97 13.10 -7.98 -4.85
C TYR B 97 11.67 -7.45 -4.95
N TYR B 98 10.84 -8.15 -5.73
CA TYR B 98 9.48 -7.70 -5.97
C TYR B 98 8.45 -8.67 -5.40
N VAL B 99 7.32 -8.13 -4.99
CA VAL B 99 6.19 -8.94 -4.55
C VAL B 99 5.06 -8.74 -5.56
N ASP B 100 5.21 -7.73 -6.40
CA ASP B 100 4.22 -7.40 -7.42
C ASP B 100 4.78 -7.73 -8.80
N ASP B 101 4.18 -8.72 -9.45
CA ASP B 101 4.69 -9.21 -10.73
C ASP B 101 4.56 -8.17 -11.85
N SER B 102 3.76 -7.13 -11.63
CA SER B 102 3.60 -6.08 -12.61
C SER B 102 4.84 -5.19 -12.70
N MET B 103 5.73 -5.33 -11.72
CA MET B 103 6.94 -4.51 -11.66
C MET B 103 8.11 -5.14 -12.40
N ILE B 104 7.99 -6.42 -12.74
CA ILE B 104 9.09 -7.19 -13.31
C ILE B 104 9.71 -6.53 -14.54
N LYS B 105 8.88 -6.15 -15.50
CA LYS B 105 9.38 -5.56 -16.74
C LYS B 105 9.94 -4.16 -16.51
N GLU B 106 9.40 -3.45 -15.52
CA GLU B 106 9.91 -2.14 -15.17
C GLU B 106 11.28 -2.25 -14.53
N ILE B 107 11.42 -3.20 -13.60
CA ILE B 107 12.70 -3.43 -12.92
C ILE B 107 13.78 -3.88 -13.90
N ASN B 108 13.44 -4.85 -14.74
CA ASN B 108 14.40 -5.37 -15.73
C ASN B 108 14.85 -4.31 -16.72
N SER B 109 13.91 -3.49 -17.18
CA SER B 109 14.21 -2.42 -18.12
C SER B 109 15.16 -1.39 -17.52
N PHE B 110 14.98 -1.10 -16.23
CA PHE B 110 15.80 -0.09 -15.57
C PHE B 110 17.23 -0.59 -15.36
N VAL B 111 17.37 -1.88 -15.07
CA VAL B 111 18.68 -2.48 -14.90
C VAL B 111 19.45 -2.46 -16.22
N LYS B 112 18.75 -2.79 -17.31
CA LYS B 112 19.33 -2.72 -18.64
C LYS B 112 19.69 -1.29 -18.99
N PHE B 113 18.85 -0.35 -18.55
CA PHE B 113 19.10 1.07 -18.72
C PHE B 113 20.39 1.49 -18.02
N MET B 114 20.57 1.01 -16.78
CA MET B 114 21.74 1.37 -15.98
C MET B 114 23.02 0.73 -16.52
N GLN B 115 22.88 -0.41 -17.18
CA GLN B 115 24.03 -1.12 -17.73
C GLN B 115 24.79 -0.28 -18.76
N LYS B 116 24.07 0.59 -19.44
CA LYS B 116 24.66 1.46 -20.46
C LYS B 116 25.61 2.49 -19.87
N LYS B 117 25.61 2.62 -18.55
CA LYS B 117 26.48 3.57 -17.86
C LYS B 117 27.68 2.89 -17.21
N TYR B 118 27.79 1.58 -17.41
CA TYR B 118 28.87 0.81 -16.78
C TYR B 118 29.58 -0.12 -17.75
N SER B 119 30.90 -0.08 -17.74
CA SER B 119 31.71 -1.01 -18.53
C SER B 119 31.63 -2.40 -17.91
N ARG B 120 31.79 -2.45 -16.59
CA ARG B 120 31.67 -3.69 -15.84
C ARG B 120 30.20 -4.13 -15.78
N PRO B 121 29.96 -5.45 -15.82
CA PRO B 121 28.59 -5.95 -15.77
C PRO B 121 27.92 -5.72 -14.42
N ILE B 122 26.67 -5.28 -14.44
CA ILE B 122 25.92 -5.08 -13.20
C ILE B 122 25.57 -6.43 -12.59
N VAL B 123 25.86 -6.59 -11.30
CA VAL B 123 25.66 -7.87 -10.62
C VAL B 123 24.50 -7.81 -9.64
N VAL B 124 23.73 -6.73 -9.68
CA VAL B 124 22.52 -6.62 -8.87
C VAL B 124 21.53 -7.70 -9.30
N GLU B 125 21.13 -8.54 -8.36
CA GLU B 125 20.22 -9.63 -8.69
C GLU B 125 18.76 -9.16 -8.65
N VAL B 126 17.98 -9.63 -9.62
CA VAL B 126 16.55 -9.33 -9.65
C VAL B 126 15.76 -10.62 -9.51
N GLU B 127 15.15 -10.80 -8.35
CA GLU B 127 14.41 -12.02 -8.04
C GLU B 127 13.08 -11.68 -7.40
N LYS B 128 12.12 -12.60 -7.52
CA LYS B 128 10.89 -12.48 -6.75
C LYS B 128 11.22 -12.71 -5.28
N LEU B 129 10.75 -11.81 -4.41
CA LEU B 129 10.92 -11.98 -2.99
C LEU B 129 10.23 -13.25 -2.54
N LYS B 130 10.94 -14.11 -1.84
CA LYS B 130 10.35 -15.38 -1.46
C LYS B 130 10.24 -15.47 0.07
N HIS B 131 11.18 -14.82 0.76
CA HIS B 131 11.09 -14.64 2.21
C HIS B 131 11.68 -13.30 2.62
N PHE B 132 11.07 -12.68 3.63
CA PHE B 132 11.58 -11.44 4.21
C PHE B 132 11.38 -11.46 5.72
N ILE B 133 12.48 -11.64 6.45
CA ILE B 133 12.41 -11.72 7.91
C ILE B 133 12.64 -10.36 8.54
N LEU B 134 11.62 -9.84 9.21
CA LEU B 134 11.68 -8.53 9.84
C LEU B 134 12.75 -8.48 10.93
N ALA B 135 13.62 -7.48 10.85
CA ALA B 135 14.68 -7.31 11.84
C ALA B 135 14.11 -6.81 13.16
N GLU B 136 14.91 -6.91 14.22
CA GLU B 136 14.50 -6.48 15.55
C GLU B 136 14.28 -4.98 15.60
N ASP B 137 13.51 -4.52 16.61
CA ASP B 137 13.22 -3.10 16.79
C ASP B 137 14.51 -2.29 16.96
N TYR B 138 15.55 -2.95 17.46
CA TYR B 138 16.86 -2.36 17.58
C TYR B 138 17.37 -1.84 16.23
N HIS B 139 17.12 -2.63 15.18
CA HIS B 139 17.59 -2.28 13.84
C HIS B 139 16.60 -1.40 13.07
N GLN B 140 15.43 -1.14 13.67
CA GLN B 140 14.41 -0.32 13.02
C GLN B 140 14.63 1.15 13.33
N ASP B 141 14.81 1.96 12.29
CA ASP B 141 15.18 3.36 12.42
C ASP B 141 16.39 3.51 13.34
N TYR B 142 17.42 2.72 13.05
CA TYR B 142 18.63 2.67 13.86
C TYR B 142 19.32 4.03 13.94
N LEU B 143 19.51 4.66 12.79
CA LEU B 143 20.21 5.94 12.72
C LEU B 143 19.37 7.06 13.34
N GLN B 144 18.07 6.84 13.45
CA GLN B 144 17.19 7.81 14.08
C GLN B 144 17.33 7.73 15.60
N LYS B 145 17.42 6.50 16.12
CA LYS B 145 17.61 6.27 17.54
C LYS B 145 19.05 6.57 17.95
N ASN B 146 19.99 6.13 17.11
CA ASN B 146 21.41 6.36 17.36
C ASN B 146 22.03 7.16 16.23
N PRO B 147 21.95 8.50 16.31
CA PRO B 147 22.42 9.41 15.26
C PRO B 147 23.92 9.31 14.99
N GLY B 148 24.67 8.77 15.96
CA GLY B 148 26.09 8.58 15.80
C GLY B 148 26.42 7.22 15.22
N GLY B 149 25.39 6.53 14.72
CA GLY B 149 25.56 5.19 14.19
C GLY B 149 26.35 5.15 12.89
N TYR B 150 26.82 3.96 12.55
CA TYR B 150 27.59 3.76 11.32
C TYR B 150 26.68 3.86 10.09
N CYS B 151 27.21 4.47 9.03
CA CYS B 151 26.45 4.67 7.80
C CYS B 151 27.38 4.98 6.64
N HIS B 152 27.53 4.02 5.73
CA HIS B 152 28.37 4.21 4.55
C HIS B 152 27.79 5.29 3.63
N ILE B 153 26.47 5.26 3.46
CA ILE B 153 25.77 6.21 2.61
C ILE B 153 25.85 7.62 3.16
N ASP B 154 26.00 8.60 2.29
CA ASP B 154 25.90 10.00 2.69
C ASP B 154 24.43 10.42 2.70
N LEU B 155 23.83 10.44 3.88
CA LEU B 155 22.40 10.68 4.02
C LEU B 155 21.97 12.06 3.56
N THR B 156 22.93 12.99 3.46
CA THR B 156 22.63 14.35 3.01
C THR B 156 22.31 14.37 1.53
N LEU B 157 22.66 13.30 0.82
CA LEU B 157 22.38 13.18 -0.61
C LEU B 157 20.87 13.16 -0.89
N ALA B 158 20.11 12.60 0.05
CA ALA B 158 18.66 12.54 -0.08
C ALA B 158 18.04 13.93 -0.15
N LEU B 159 18.76 14.93 0.36
CA LEU B 159 18.30 16.32 0.32
C LEU B 159 19.05 17.09 -0.76
N LYS B 160 19.80 16.35 -1.57
CA LYS B 160 20.56 16.94 -2.68
C LYS B 160 20.02 16.41 -4.01
N PRO B 161 20.27 17.12 -5.11
CA PRO B 161 19.74 16.73 -6.42
C PRO B 161 20.09 15.30 -6.83
N LEU B 162 19.09 14.56 -7.31
CA LEU B 162 19.29 13.20 -7.78
C LEU B 162 20.08 13.18 -9.07
N TYR B 163 19.86 14.18 -9.91
CA TYR B 163 20.52 14.27 -11.20
C TYR B 163 21.37 15.53 -11.32
N ASP B 164 22.22 15.57 -12.34
CA ASP B 164 23.06 16.73 -12.60
C ASP B 164 22.20 17.96 -12.91
N GLU B 165 22.23 18.94 -12.01
CA GLU B 165 21.45 20.16 -12.18
C GLU B 165 22.35 21.37 -12.41
N SER B 166 23.60 21.11 -12.77
CA SER B 166 24.57 22.17 -13.00
C SER B 166 24.17 23.01 -14.20
N LYS B 167 23.52 22.39 -15.17
CA LYS B 167 23.09 23.08 -16.38
C LYS B 167 21.71 23.71 -16.23
N PHE B 168 21.07 23.51 -15.09
CA PHE B 168 19.71 24.02 -14.90
C PHE B 168 19.66 25.24 -14.00
N LYS B 169 20.65 26.12 -14.14
CA LYS B 169 20.70 27.36 -13.37
C LYS B 169 19.81 28.45 -13.98
N VAL B 170 19.25 29.29 -13.11
CA VAL B 170 18.28 30.29 -13.51
C VAL B 170 18.91 31.62 -13.91
N PRO B 171 18.55 32.12 -15.10
CA PRO B 171 18.97 33.44 -15.54
C PRO B 171 18.32 34.53 -14.70
N SER B 172 18.88 35.74 -14.75
CA SER B 172 18.31 36.87 -14.02
C SER B 172 17.03 37.36 -14.67
N LYS B 173 16.29 38.17 -13.94
CA LYS B 173 15.04 38.79 -14.40
C LYS B 173 15.11 39.34 -15.82
N GLU B 174 16.25 39.93 -16.17
CA GLU B 174 16.40 40.67 -17.42
C GLU B 174 16.72 39.82 -18.65
N GLU B 175 17.43 38.71 -18.45
CA GLU B 175 17.64 37.76 -19.54
C GLU B 175 16.32 37.16 -19.98
N LEU B 176 15.50 36.81 -19.00
CA LEU B 176 14.21 36.17 -19.27
C LEU B 176 13.25 37.10 -20.00
N LYS B 177 13.37 38.40 -19.78
CA LYS B 177 12.44 39.36 -20.37
C LYS B 177 12.64 39.51 -21.88
N LYS B 178 13.86 39.26 -22.37
CA LYS B 178 14.11 39.36 -23.80
C LYS B 178 14.12 38.00 -24.49
N SER B 179 14.47 36.95 -23.73
CA SER B 179 14.55 35.61 -24.29
C SER B 179 13.16 35.02 -24.52
N LEU B 180 12.28 35.17 -23.53
CA LEU B 180 10.95 34.57 -23.58
C LEU B 180 9.96 35.44 -24.33
N LYS B 181 8.93 34.81 -24.87
CA LYS B 181 7.79 35.55 -25.43
C LYS B 181 7.00 36.15 -24.26
N PRO B 182 6.22 37.21 -24.54
CA PRO B 182 5.44 37.89 -23.49
C PRO B 182 4.62 36.95 -22.62
N ILE B 183 3.91 36.01 -23.23
CA ILE B 183 3.08 35.07 -22.49
C ILE B 183 3.93 34.14 -21.62
N GLN B 184 5.14 33.83 -22.09
CA GLN B 184 6.05 32.97 -21.36
C GLN B 184 6.58 33.68 -20.12
N PHE B 185 6.94 34.95 -20.29
CA PHE B 185 7.43 35.76 -19.19
C PHE B 185 6.32 36.03 -18.18
N SER B 186 5.14 36.36 -18.68
CA SER B 186 3.99 36.67 -17.84
C SER B 186 3.60 35.49 -16.95
N VAL B 187 3.51 34.31 -17.54
CA VAL B 187 3.14 33.11 -16.80
C VAL B 187 4.17 32.75 -15.73
N THR B 188 5.43 32.70 -16.14
CA THR B 188 6.49 32.19 -15.26
C THR B 188 6.98 33.22 -14.24
N GLN B 189 7.01 34.49 -14.63
CA GLN B 189 7.59 35.52 -13.76
C GLN B 189 6.55 36.42 -13.10
N GLU B 190 5.32 36.39 -13.61
CA GLU B 190 4.27 37.25 -13.08
C GLU B 190 3.03 36.46 -12.68
N LYS B 191 3.18 35.14 -12.57
CA LYS B 191 2.11 34.23 -12.15
C LYS B 191 0.85 34.34 -12.99
N ALA B 192 0.99 34.76 -14.25
CA ALA B 192 -0.16 34.88 -15.13
C ALA B 192 -0.68 33.50 -15.54
N THR B 193 -1.86 33.48 -16.16
CA THR B 193 -2.46 32.23 -16.62
C THR B 193 -2.91 32.36 -18.07
N GLU B 194 -2.34 31.54 -18.94
CA GLU B 194 -2.70 31.53 -20.35
C GLU B 194 -4.18 31.16 -20.50
N ARG B 195 -4.82 31.68 -21.53
CA ARG B 195 -6.24 31.38 -21.75
C ARG B 195 -6.37 29.93 -22.20
N PRO B 196 -7.45 29.26 -21.75
CA PRO B 196 -7.72 27.85 -22.05
C PRO B 196 -7.66 27.49 -23.53
N PHE B 197 -7.15 26.29 -23.82
CA PHE B 197 -7.13 25.73 -25.17
C PHE B 197 -6.27 26.52 -26.15
N THR B 198 -5.41 27.40 -25.65
CA THR B 198 -4.57 28.23 -26.51
C THR B 198 -3.18 27.64 -26.69
N SER B 199 -2.74 26.83 -25.73
CA SER B 199 -1.41 26.24 -25.79
C SER B 199 -1.36 25.07 -26.76
N GLU B 200 -0.23 24.95 -27.46
CA GLU B 200 0.00 23.84 -28.38
C GLU B 200 0.12 22.52 -27.63
N TYR B 201 0.45 22.59 -26.35
CA TYR B 201 0.64 21.41 -25.52
C TYR B 201 -0.66 20.92 -24.88
N ASP B 202 -1.77 21.58 -25.19
CA ASP B 202 -3.06 21.18 -24.63
C ASP B 202 -3.53 19.85 -25.22
N LYS B 203 -3.84 19.85 -26.51
CA LYS B 203 -4.16 18.62 -27.22
C LYS B 203 -2.87 18.05 -27.81
N PHE B 204 -2.13 17.31 -26.99
CA PHE B 204 -0.80 16.85 -27.36
C PHE B 204 -0.44 15.59 -26.58
N ASP B 205 0.05 14.56 -27.28
CA ASP B 205 0.25 13.26 -26.65
C ASP B 205 1.54 12.58 -27.14
N ALA B 206 2.45 13.33 -27.73
CA ALA B 206 3.69 12.76 -28.18
C ALA B 206 4.54 12.32 -27.00
N GLU B 207 5.41 11.35 -27.21
CA GLU B 207 6.26 10.83 -26.14
C GLU B 207 7.48 11.70 -25.93
N GLY B 208 7.76 12.02 -24.66
CA GLY B 208 8.88 12.86 -24.31
C GLY B 208 8.68 13.50 -22.95
N ILE B 209 9.54 14.44 -22.60
CA ILE B 209 9.43 15.13 -21.32
C ILE B 209 9.09 16.61 -21.51
N TYR B 210 8.47 17.18 -20.49
CA TYR B 210 8.18 18.61 -20.49
C TYR B 210 9.15 19.31 -19.54
N VAL B 211 9.88 20.27 -20.07
CA VAL B 211 10.98 20.90 -19.35
C VAL B 211 10.66 22.34 -18.97
N ASP B 212 11.26 22.81 -17.87
CA ASP B 212 11.13 24.20 -17.45
C ASP B 212 11.69 25.11 -18.54
N ILE B 213 10.84 26.00 -19.05
CA ILE B 213 11.22 26.87 -20.16
C ILE B 213 12.27 27.91 -19.75
N THR B 214 12.47 28.06 -18.45
CA THR B 214 13.42 29.06 -17.94
C THR B 214 14.76 28.47 -17.50
N THR B 215 14.77 27.18 -17.16
CA THR B 215 15.97 26.55 -16.63
C THR B 215 16.40 25.31 -17.40
N GLY B 216 15.44 24.64 -18.04
CA GLY B 216 15.73 23.44 -18.79
C GLY B 216 15.62 22.16 -17.98
N LYS B 217 15.22 22.30 -16.72
CA LYS B 217 15.04 21.14 -15.85
C LYS B 217 13.71 20.43 -16.11
N PRO B 218 13.75 19.10 -16.26
CA PRO B 218 12.54 18.29 -16.48
C PRO B 218 11.51 18.44 -15.36
N LEU B 219 10.25 18.61 -15.72
CA LEU B 219 9.18 18.81 -14.74
C LEU B 219 8.10 17.74 -14.84
N PHE B 220 7.75 17.36 -16.06
CA PHE B 220 6.69 16.38 -16.28
C PHE B 220 7.01 15.41 -17.40
N SER B 221 6.40 14.23 -17.33
CA SER B 221 6.56 13.21 -18.37
C SER B 221 5.27 13.05 -19.17
N SER B 222 5.40 12.71 -20.45
CA SER B 222 4.25 12.48 -21.32
C SER B 222 3.42 11.30 -20.84
N LEU B 223 4.06 10.41 -20.07
CA LEU B 223 3.39 9.21 -19.55
C LEU B 223 2.33 9.58 -18.52
N ASN B 224 2.49 10.73 -17.88
CA ASN B 224 1.58 11.17 -16.83
C ASN B 224 0.59 12.22 -17.33
N LYS B 225 0.64 12.50 -18.63
CA LYS B 225 -0.21 13.51 -19.22
C LYS B 225 -1.56 12.94 -19.63
N TYR B 226 -2.62 13.72 -19.44
CA TYR B 226 -3.97 13.29 -19.82
C TYR B 226 -4.85 14.49 -20.13
N ASP B 227 -6.01 14.23 -20.74
CA ASP B 227 -6.93 15.29 -21.12
C ASP B 227 -7.96 15.54 -20.01
N ALA B 228 -7.80 16.63 -19.29
CA ALA B 228 -8.73 17.00 -18.24
C ALA B 228 -9.91 17.78 -18.80
N GLY B 229 -9.75 18.27 -20.03
CA GLY B 229 -10.82 18.99 -20.71
C GLY B 229 -11.00 20.41 -20.21
N CYS B 230 -10.03 20.91 -19.46
CA CYS B 230 -10.13 22.24 -18.88
C CYS B 230 -9.32 23.27 -19.69
N GLY B 231 -8.69 22.82 -20.76
CA GLY B 231 -7.98 23.72 -21.66
C GLY B 231 -6.51 23.89 -21.38
N TRP B 232 -6.01 23.26 -20.32
CA TRP B 232 -4.59 23.34 -19.98
C TRP B 232 -3.95 21.96 -19.95
N PRO B 233 -2.65 21.89 -20.28
CA PRO B 233 -1.87 20.66 -20.10
C PRO B 233 -2.00 20.13 -18.68
N SER B 234 -2.46 18.89 -18.55
CA SER B 234 -2.72 18.31 -17.23
C SER B 234 -1.92 17.04 -17.00
N PHE B 235 -1.38 16.91 -15.79
CA PHE B 235 -0.55 15.77 -15.43
C PHE B 235 -1.01 15.16 -14.10
N THR B 236 -0.75 13.88 -13.92
CA THR B 236 -1.17 13.18 -12.72
C THR B 236 -0.11 13.25 -11.62
N LYS B 237 1.12 13.56 -12.01
CA LYS B 237 2.23 13.68 -11.08
C LYS B 237 3.42 14.40 -11.71
N ALA B 238 4.39 14.75 -10.88
CA ALA B 238 5.64 15.33 -11.36
C ALA B 238 6.56 14.22 -11.82
N ILE B 239 7.54 14.55 -12.65
CA ILE B 239 8.46 13.56 -13.18
C ILE B 239 9.37 13.04 -12.07
N THR B 240 9.72 13.91 -11.13
CA THR B 240 10.47 13.53 -9.94
C THR B 240 9.93 14.27 -8.72
N THR B 241 10.38 13.85 -7.54
CA THR B 241 9.98 14.51 -6.30
C THR B 241 10.77 15.80 -6.08
N GLN B 242 11.76 16.03 -6.94
CA GLN B 242 12.65 17.17 -6.80
C GLN B 242 12.36 18.27 -7.81
N ALA B 243 11.24 18.13 -8.52
CA ALA B 243 10.90 19.05 -9.60
C ALA B 243 10.07 20.24 -9.14
N LEU B 244 9.11 19.98 -8.26
CA LEU B 244 8.12 21.00 -7.89
C LEU B 244 8.16 21.43 -6.43
N GLN B 245 7.66 22.63 -6.18
CA GLN B 245 7.40 23.12 -4.84
C GLN B 245 5.96 23.62 -4.77
N TYR B 246 5.32 23.48 -3.62
CA TYR B 246 3.90 23.82 -3.49
C TYR B 246 3.71 25.01 -2.58
N LEU B 247 2.80 25.91 -2.97
CA LEU B 247 2.53 27.11 -2.20
C LEU B 247 1.03 27.34 -2.02
N GLU B 248 0.64 27.65 -0.80
CA GLU B 248 -0.71 28.10 -0.50
C GLU B 248 -1.05 29.32 -1.35
N ASP B 249 -2.20 29.27 -2.03
CA ASP B 249 -2.60 30.38 -2.89
C ASP B 249 -4.09 30.67 -2.78
N LYS B 250 -4.42 31.81 -2.21
CA LYS B 250 -5.82 32.21 -2.05
C LYS B 250 -6.22 33.28 -3.07
N SER B 251 -5.49 33.33 -4.18
CA SER B 251 -5.78 34.25 -5.27
C SER B 251 -7.21 34.12 -5.79
N LEU B 252 -7.78 35.24 -6.24
CA LEU B 252 -9.10 35.29 -6.86
C LEU B 252 -10.23 34.83 -5.92
N GLY B 253 -9.97 34.91 -4.61
CA GLY B 253 -10.98 34.59 -3.62
C GLY B 253 -11.30 33.11 -3.53
N MET B 254 -10.31 32.28 -3.80
CA MET B 254 -10.48 30.83 -3.72
C MET B 254 -9.39 30.27 -2.80
N ASN B 255 -9.41 28.96 -2.58
CA ASN B 255 -8.31 28.32 -1.86
C ASN B 255 -7.66 27.25 -2.72
N ARG B 256 -6.48 27.56 -3.24
CA ARG B 256 -5.81 26.68 -4.20
C ARG B 256 -4.33 26.51 -3.86
N THR B 257 -3.73 25.47 -4.41
CA THR B 257 -2.30 25.25 -4.23
C THR B 257 -1.53 25.59 -5.50
N GLU B 258 -0.57 26.51 -5.37
CA GLU B 258 0.22 26.95 -6.52
C GLU B 258 1.40 26.02 -6.74
N VAL B 259 1.64 25.67 -8.01
CA VAL B 259 2.77 24.83 -8.38
C VAL B 259 3.89 25.66 -8.96
N VAL B 260 5.08 25.56 -8.35
CA VAL B 260 6.25 26.31 -8.81
C VAL B 260 7.46 25.40 -8.94
N SER B 261 8.34 25.71 -9.89
CA SER B 261 9.57 24.95 -10.08
C SER B 261 10.46 25.10 -8.84
N LYS B 262 10.96 23.98 -8.33
CA LYS B 262 11.79 24.02 -7.13
C LYS B 262 13.12 24.71 -7.42
N THR B 263 13.68 24.44 -8.60
CA THR B 263 14.95 25.04 -8.99
C THR B 263 14.74 26.45 -9.52
N GLY B 264 13.95 26.56 -10.58
CA GLY B 264 13.61 27.85 -11.16
C GLY B 264 12.97 28.81 -10.17
N GLY B 265 11.82 28.42 -9.64
CA GLY B 265 11.01 29.30 -8.81
C GLY B 265 9.89 29.87 -9.66
N ALA B 266 9.94 29.56 -10.95
CA ALA B 266 8.96 30.06 -11.91
C ALA B 266 7.57 29.47 -11.66
N HIS B 267 6.55 30.29 -11.86
CA HIS B 267 5.16 29.85 -11.73
C HIS B 267 4.79 28.89 -12.86
N LEU B 268 4.18 27.78 -12.50
CA LEU B 268 3.80 26.76 -13.49
C LEU B 268 2.29 26.64 -13.61
N GLY B 269 1.61 26.66 -12.47
CA GLY B 269 0.16 26.55 -12.46
C GLY B 269 -0.36 26.15 -11.10
N HIS B 270 -1.38 25.30 -11.09
CA HIS B 270 -1.99 24.85 -9.84
C HIS B 270 -2.22 23.34 -9.85
N VAL B 271 -2.27 22.76 -8.65
CA VAL B 271 -2.56 21.33 -8.51
C VAL B 271 -3.90 21.14 -7.78
N PHE B 272 -4.78 20.35 -8.39
CA PHE B 272 -6.10 20.11 -7.82
C PHE B 272 -6.24 18.65 -7.38
N ASP B 273 -7.34 18.36 -6.68
CA ASP B 273 -7.57 17.03 -6.14
C ASP B 273 -8.64 16.27 -6.93
N ASP B 274 -8.95 16.77 -8.12
CA ASP B 274 -9.98 16.15 -8.96
C ASP B 274 -9.39 15.39 -10.15
N GLY B 275 -8.17 14.90 -9.98
CA GLY B 275 -7.53 14.10 -11.01
C GLY B 275 -8.05 12.67 -11.02
N PRO B 276 -7.61 11.87 -12.01
CA PRO B 276 -8.01 10.46 -12.10
C PRO B 276 -7.57 9.68 -10.86
N ALA B 277 -8.53 9.06 -10.19
CA ALA B 277 -8.29 8.45 -8.89
C ALA B 277 -7.33 7.27 -8.93
N ASP B 278 -7.32 6.53 -10.04
CA ASP B 278 -6.44 5.38 -10.16
C ASP B 278 -4.98 5.79 -10.33
N ALA B 279 -4.77 7.04 -10.72
CA ALA B 279 -3.43 7.57 -10.91
C ALA B 279 -2.97 8.36 -9.69
N GLY B 280 -3.84 8.45 -8.69
CA GLY B 280 -3.52 9.15 -7.47
C GLY B 280 -4.51 10.26 -7.14
N GLY B 281 -5.34 10.62 -8.11
CA GLY B 281 -6.38 11.61 -7.89
C GLY B 281 -5.89 13.04 -7.97
N LEU B 282 -4.66 13.23 -8.42
CA LEU B 282 -4.09 14.56 -8.52
C LEU B 282 -4.16 15.09 -9.95
N ARG B 283 -4.54 16.36 -10.09
CA ARG B 283 -4.54 17.02 -11.38
C ARG B 283 -3.60 18.23 -11.36
N TYR B 284 -2.46 18.08 -12.01
CA TYR B 284 -1.52 19.18 -12.14
C TYR B 284 -1.86 20.01 -13.37
N SER B 285 -2.49 21.16 -13.16
CA SER B 285 -2.84 22.06 -14.26
C SER B 285 -1.70 23.03 -14.51
N ILE B 286 -1.03 22.86 -15.64
CA ILE B 286 0.19 23.61 -15.93
C ILE B 286 0.07 24.37 -17.25
N ASN B 287 0.46 25.64 -17.23
CA ASN B 287 0.49 26.45 -18.44
C ASN B 287 1.52 25.90 -19.43
N GLY B 288 1.09 25.71 -20.67
CA GLY B 288 1.98 25.24 -21.71
C GLY B 288 3.11 26.21 -21.99
N ALA B 289 2.85 27.50 -21.79
CA ALA B 289 3.85 28.54 -22.01
C ALA B 289 5.04 28.40 -21.06
N ALA B 290 4.82 27.71 -19.94
CA ALA B 290 5.88 27.51 -18.95
C ALA B 290 6.71 26.27 -19.27
N LEU B 291 6.30 25.52 -20.28
CA LEU B 291 6.95 24.25 -20.60
C LEU B 291 7.61 24.24 -21.98
N ARG B 292 8.68 23.46 -22.09
CA ARG B 292 9.30 23.16 -23.39
C ARG B 292 9.34 21.65 -23.61
N PHE B 293 8.66 21.19 -24.66
CA PHE B 293 8.57 19.76 -24.92
C PHE B 293 9.81 19.23 -25.63
N ILE B 294 10.31 18.10 -25.15
CA ILE B 294 11.47 17.45 -25.75
C ILE B 294 11.13 16.00 -26.11
N PRO B 295 11.04 15.71 -27.41
CA PRO B 295 10.69 14.36 -27.91
C PRO B 295 11.62 13.28 -27.38
N TYR B 296 11.08 12.08 -27.17
CA TYR B 296 11.85 10.96 -26.64
C TYR B 296 13.07 10.65 -27.50
N ASP B 297 12.90 10.74 -28.82
CA ASP B 297 13.97 10.45 -29.76
C ASP B 297 15.14 11.44 -29.64
N LYS B 298 14.84 12.65 -29.20
CA LYS B 298 15.85 13.70 -29.13
C LYS B 298 16.35 13.94 -27.70
N MET B 299 15.78 13.21 -26.74
CA MET B 299 16.12 13.37 -25.34
C MET B 299 17.59 13.07 -25.05
N GLU B 300 18.08 11.96 -25.59
CA GLU B 300 19.45 11.52 -25.34
C GLU B 300 20.49 12.48 -25.94
N LYS B 301 20.22 12.97 -27.14
CA LYS B 301 21.15 13.88 -27.82
C LYS B 301 21.19 15.27 -27.18
N GLU B 302 20.09 15.66 -26.55
CA GLU B 302 20.04 16.98 -25.91
C GLU B 302 20.44 16.90 -24.43
N GLY B 303 20.94 15.74 -24.01
CA GLY B 303 21.51 15.60 -22.68
C GLY B 303 20.55 15.10 -21.62
N TYR B 304 19.38 14.63 -22.03
CA TYR B 304 18.37 14.16 -21.08
C TYR B 304 18.27 12.63 -21.06
N GLY B 305 19.40 11.96 -21.22
CA GLY B 305 19.44 10.51 -21.25
C GLY B 305 19.04 9.85 -19.94
N ASP B 306 19.21 10.56 -18.84
CA ASP B 306 18.90 10.02 -17.51
C ASP B 306 17.40 9.95 -17.24
N TYR B 307 16.61 10.62 -18.08
CA TYR B 307 15.18 10.74 -17.84
C TYR B 307 14.34 9.84 -18.76
N LEU B 308 15.00 8.99 -19.53
CA LEU B 308 14.30 8.08 -20.43
C LEU B 308 13.31 7.12 -19.76
N PRO B 309 13.68 6.51 -18.61
CA PRO B 309 12.72 5.59 -18.00
C PRO B 309 11.41 6.24 -17.54
N TYR B 310 11.42 7.55 -17.32
CA TYR B 310 10.20 8.25 -16.89
C TYR B 310 9.20 8.35 -18.05
N VAL B 311 9.71 8.23 -19.27
CA VAL B 311 8.85 8.23 -20.46
C VAL B 311 8.47 6.81 -20.82
N LYS B 312 9.47 5.92 -20.85
CA LYS B 312 9.24 4.51 -21.17
C LYS B 312 9.79 3.60 -20.08
N PRO B 313 8.98 3.35 -19.04
CA PRO B 313 9.35 2.50 -17.90
C PRO B 313 9.72 1.08 -18.31
N THR B 314 9.15 0.60 -19.41
CA THR B 314 9.46 -0.72 -19.93
C THR B 314 10.06 -0.63 -21.33
N GLY B 315 10.65 0.52 -21.64
CA GLY B 315 11.26 0.75 -22.93
C GLY B 315 12.45 -0.15 -23.23
N ASN B 316 12.82 -0.20 -24.51
CA ASN B 316 13.94 -1.01 -24.96
C ASN B 316 15.28 -0.35 -24.66
N PHE B 317 16.13 -1.06 -23.94
CA PHE B 317 17.47 -0.56 -23.61
C PHE B 317 18.52 -1.63 -23.83
S1 D1D C . -20.16 17.24 5.35
C1 D1D C . -19.32 16.36 6.41
C2 D1D C . -20.02 14.94 6.72
O2 D1D C . -19.39 14.34 7.62
C3 D1D C . -21.65 15.13 7.21
O3 D1D C . -22.19 13.99 7.29
C4 D1D C . -22.51 16.04 6.20
S4 D1D C . -21.79 17.45 5.86
S1 DTT D . -9.50 -7.11 18.47
C1 DTT D . -11.02 -7.70 17.68
C2 DTT D . -12.29 -7.27 18.42
O2 DTT D . -12.08 -6.00 18.99
C3 DTT D . -12.66 -8.26 19.52
O3 DTT D . -13.46 -7.60 20.48
C4 DTT D . -13.44 -9.45 18.96
S4 DTT D . -13.66 -10.78 20.16
S1 DTT E . -2.71 -16.68 1.17
C1 DTT E . -3.76 -15.24 0.79
C2 DTT E . -5.15 -15.63 0.32
O2 DTT E . -5.14 -15.83 -1.08
C3 DTT E . -6.17 -14.57 0.68
O3 DTT E . -6.67 -13.97 -0.51
C4 DTT E . -7.32 -15.17 1.45
S4 DTT E . -8.49 -13.93 2.08
S1 D1D F . 23.38 -6.65 11.53
C1 D1D F . 23.02 -5.09 11.31
C2 D1D F . 23.79 -4.47 10.03
O2 D1D F . 23.57 -3.23 9.98
C3 D1D F . 25.49 -4.71 10.12
O3 D1D F . 26.02 -4.32 9.05
C4 D1D F . 25.87 -6.27 10.36
S4 D1D F . 25.09 -6.90 11.62
S1 DTT G . 1.53 2.46 9.22
C1 DTT G . 2.11 3.30 7.72
C2 DTT G . 1.33 2.90 6.48
O2 DTT G . 1.95 1.81 5.85
C3 DTT G . 1.25 4.06 5.49
O3 DTT G . 0.47 3.68 4.37
C4 DTT G . 0.61 5.28 6.14
S4 DTT G . 1.78 6.64 6.41
S1 DTT H . 5.48 7.33 -14.22
C1 DTT H . 4.06 6.82 -13.20
C2 DTT H . 3.18 5.78 -13.89
O2 DTT H . 3.98 4.94 -14.69
C3 DTT H . 2.11 6.44 -14.75
O3 DTT H . 1.44 5.45 -15.52
C4 DTT H . 1.09 7.18 -13.89
S4 DTT H . -0.11 8.12 -14.87
S1 DTT I . 12.28 17.26 -1.64
C1 DTT I . 13.77 16.98 -2.64
C2 DTT I . 15.03 17.51 -1.97
O2 DTT I . 14.74 18.70 -1.28
C3 DTT I . 16.14 17.77 -2.98
O3 DTT I . 16.69 16.54 -3.41
C4 DTT I . 15.62 18.54 -4.18
S4 DTT I . 16.92 19.22 -5.22
#